data_2FX5
#
_entry.id   2FX5
#
_cell.length_a   58.50
_cell.length_b   58.50
_cell.length_c   145.00
_cell.angle_alpha   90.0
_cell.angle_beta   90.0
_cell.angle_gamma   90.0
#
_symmetry.space_group_name_H-M   'P 43 21 2'
#
loop_
_entity.id
_entity.type
_entity.pdbx_description
1 polymer lipase
2 non-polymer 'L(+)-TARTARIC ACID'
3 water water
#
_entity_poly.entity_id   1
_entity_poly.type   'polypeptide(L)'
_entity_poly.pdbx_seq_one_letter_code
;APLPDTPGAPFPAVANFDRSGPYTVSSQSEGPSCRIYRPRDLGQGGVRHPVILWGNGTGAGPSTYAGLLSHWASHGFVVA
AAETSNAGTGREMLACLDYLVRENDTPYGTYSGKLNTGRVGTSGHSQGGGGSIMAGQDTRVRTTAPIQPYTLGLGHDSAS
QRRQQGPMFLMSGGGDTIAFPYLNAQPVYRRANVPVFWGERRYVSHFEPVGSGGAYRGPSTAWFRFQLMDDQDARATFYG
AQCSLCTSLLWSVERRGL
;
_entity_poly.pdbx_strand_id   A
#
loop_
_chem_comp.id
_chem_comp.type
_chem_comp.name
_chem_comp.formula
TLA non-polymer 'L(+)-TARTARIC ACID' 'C4 H6 O6'
#
# COMPACT_ATOMS: atom_id res chain seq x y z
N ALA A 1 18.60 -3.39 7.25
CA ALA A 1 17.53 -3.30 6.22
C ALA A 1 17.72 -4.36 5.14
N PRO A 2 16.78 -5.27 4.92
CA PRO A 2 15.51 -5.37 5.64
C PRO A 2 15.77 -5.42 7.16
N LEU A 3 14.79 -4.97 7.91
CA LEU A 3 14.78 -4.93 9.39
C LEU A 3 14.32 -6.34 9.75
N PRO A 4 14.70 -6.88 10.88
CA PRO A 4 14.28 -8.24 11.22
C PRO A 4 12.74 -8.27 11.27
N ASP A 5 12.31 -9.44 10.87
CA ASP A 5 10.89 -9.82 10.87
C ASP A 5 10.59 -10.22 12.33
N THR A 6 9.79 -9.41 13.01
CA THR A 6 9.45 -9.74 14.40
C THR A 6 7.95 -9.93 14.58
N PRO A 7 7.36 -11.04 14.15
CA PRO A 7 5.91 -11.30 14.28
C PRO A 7 5.45 -11.52 15.69
N GLY A 8 4.16 -11.28 15.93
CA GLY A 8 3.58 -11.42 17.29
C GLY A 8 2.51 -12.49 17.07
N ALA A 9 1.45 -12.46 17.81
CA ALA A 9 0.36 -13.43 17.60
C ALA A 9 -0.21 -13.18 16.21
N PRO A 10 -0.85 -14.19 15.67
CA PRO A 10 -1.48 -14.10 14.34
C PRO A 10 -2.67 -13.14 14.34
N PHE A 11 -2.81 -12.49 13.18
CA PHE A 11 -3.90 -11.51 13.07
C PHE A 11 -5.21 -12.29 12.88
N PRO A 12 -6.26 -11.82 13.49
CA PRO A 12 -7.58 -12.39 13.28
C PRO A 12 -7.91 -12.47 11.78
N ALA A 13 -8.57 -13.57 11.43
CA ALA A 13 -9.04 -13.81 10.03
C ALA A 13 -10.26 -12.91 9.84
N VAL A 14 -10.54 -12.58 8.58
CA VAL A 14 -11.70 -11.72 8.26
C VAL A 14 -12.45 -12.48 7.16
N ALA A 15 -13.75 -12.26 7.08
CA ALA A 15 -14.47 -12.98 5.98
C ALA A 15 -14.53 -12.23 4.66
N ASN A 16 -14.09 -11.00 4.55
CA ASN A 16 -14.18 -10.11 3.40
C ASN A 16 -13.12 -9.02 3.59
N PHE A 17 -12.39 -8.85 2.56
CA PHE A 17 -11.29 -7.86 2.54
C PHE A 17 -11.86 -6.48 2.33
N ASP A 18 -13.11 -6.39 1.85
CA ASP A 18 -13.60 -5.03 1.62
C ASP A 18 -14.45 -4.56 2.78
N ARG A 19 -14.65 -5.36 3.83
CA ARG A 19 -15.41 -4.91 5.01
C ARG A 19 -14.42 -4.49 6.10
N SER A 20 -14.83 -3.78 7.15
CA SER A 20 -13.86 -3.47 8.18
C SER A 20 -13.38 -4.76 8.85
N GLY A 21 -12.16 -4.63 9.37
CA GLY A 21 -11.45 -5.60 10.15
C GLY A 21 -11.91 -5.35 11.60
N PRO A 22 -11.36 -6.15 12.52
CA PRO A 22 -11.77 -6.06 13.92
C PRO A 22 -11.30 -4.88 14.73
N TYR A 23 -10.53 -3.95 14.22
CA TYR A 23 -10.01 -2.94 15.14
C TYR A 23 -10.66 -1.57 14.97
N THR A 24 -10.88 -0.99 16.11
CA THR A 24 -11.29 0.39 16.25
C THR A 24 -10.03 1.18 15.84
N VAL A 25 -10.22 2.28 15.18
CA VAL A 25 -9.10 3.03 14.55
C VAL A 25 -9.00 4.43 15.09
N SER A 26 -7.83 5.02 14.93
CA SER A 26 -7.56 6.42 15.23
C SER A 26 -6.56 6.97 14.19
N SER A 27 -6.44 8.27 14.10
CA SER A 27 -5.50 8.93 13.23
C SER A 27 -5.05 10.20 13.96
N GLN A 28 -3.86 10.59 13.71
CA GLN A 28 -3.17 11.72 14.28
C GLN A 28 -2.05 12.18 13.35
N SER A 29 -1.82 13.47 13.35
CA SER A 29 -0.67 13.98 12.59
C SER A 29 0.43 13.95 13.62
N GLU A 30 1.57 13.40 13.26
CA GLU A 30 2.73 13.25 14.13
C GLU A 30 3.96 12.99 13.28
N GLY A 31 5.12 13.16 13.84
CA GLY A 31 6.41 12.95 13.20
C GLY A 31 6.66 14.04 12.16
N PRO A 32 7.48 13.60 11.20
CA PRO A 32 7.87 14.47 10.11
C PRO A 32 6.79 14.71 9.06
N SER A 33 5.68 15.23 9.51
CA SER A 33 4.54 15.54 8.64
C SER A 33 3.95 14.23 8.11
N CYS A 34 3.50 13.41 9.02
CA CYS A 34 2.88 12.11 8.76
C CYS A 34 1.52 12.12 9.43
N ARG A 35 0.56 11.55 8.73
CA ARG A 35 -0.77 11.36 9.30
C ARG A 35 -0.83 9.86 9.53
N ILE A 36 -0.96 9.37 10.73
CA ILE A 36 -0.91 7.92 10.96
C ILE A 36 -2.28 7.38 11.32
N TYR A 37 -2.77 6.42 10.59
CA TYR A 37 -4.04 5.72 10.83
C TYR A 37 -3.62 4.39 11.42
N ARG A 38 -4.15 4.00 12.56
CA ARG A 38 -3.77 2.76 13.21
C ARG A 38 -4.87 2.30 14.18
N PRO A 39 -4.81 1.03 14.57
CA PRO A 39 -5.69 0.48 15.61
C PRO A 39 -5.56 1.40 16.82
N ARG A 40 -6.63 1.75 17.47
CA ARG A 40 -6.67 2.63 18.65
C ARG A 40 -5.82 2.00 19.76
N ASP A 41 -5.96 0.71 19.87
CA ASP A 41 -5.12 -0.05 20.85
C ASP A 41 -4.13 -0.95 20.12
N LEU A 42 -2.88 -0.49 20.13
CA LEU A 42 -1.79 -1.22 19.48
C LEU A 42 -1.42 -2.47 20.27
N GLY A 43 -1.01 -3.51 19.55
CA GLY A 43 -0.56 -4.76 20.12
C GLY A 43 -1.61 -5.57 20.85
N GLN A 44 -2.90 -5.40 20.58
CA GLN A 44 -3.97 -6.20 21.23
C GLN A 44 -3.75 -7.69 20.97
N GLY A 45 -3.69 -8.50 22.01
CA GLY A 45 -3.50 -9.97 21.87
C GLY A 45 -2.09 -10.39 21.51
N GLY A 46 -1.13 -9.49 21.51
CA GLY A 46 0.24 -9.86 21.13
C GLY A 46 0.59 -9.70 19.69
N VAL A 47 -0.32 -9.14 18.87
CA VAL A 47 -0.01 -8.89 17.45
C VAL A 47 1.04 -7.77 17.42
N ARG A 48 1.82 -7.79 16.38
CA ARG A 48 2.88 -6.83 16.01
C ARG A 48 2.48 -6.35 14.61
N HIS A 49 2.23 -5.05 14.52
CA HIS A 49 1.68 -4.50 13.29
C HIS A 49 2.65 -4.19 12.19
N PRO A 50 2.35 -4.68 10.99
CA PRO A 50 3.04 -4.35 9.73
C PRO A 50 2.71 -2.91 9.37
N VAL A 51 3.55 -2.27 8.60
CA VAL A 51 3.43 -0.86 8.21
C VAL A 51 3.18 -0.68 6.70
N ILE A 52 2.32 0.26 6.41
CA ILE A 52 2.01 0.65 5.04
C ILE A 52 2.32 2.16 4.89
N LEU A 53 3.14 2.58 3.95
CA LEU A 53 3.43 4.01 3.74
C LEU A 53 2.47 4.44 2.61
N TRP A 54 1.84 5.59 2.70
CA TRP A 54 0.87 6.06 1.70
C TRP A 54 1.30 7.40 1.15
N GLY A 55 1.20 7.54 -0.16
CA GLY A 55 1.45 8.80 -0.89
C GLY A 55 0.11 9.29 -1.50
N ASN A 56 -0.28 10.52 -1.22
CA ASN A 56 -1.53 11.07 -1.77
C ASN A 56 -1.48 11.38 -3.27
N GLY A 57 -2.68 11.56 -3.82
CA GLY A 57 -2.78 12.04 -5.23
C GLY A 57 -2.30 13.49 -5.26
N THR A 58 -1.87 14.00 -6.40
CA THR A 58 -1.38 15.37 -6.54
C THR A 58 -2.39 16.39 -6.01
N GLY A 59 -1.97 17.24 -5.12
CA GLY A 59 -2.78 18.32 -4.57
C GLY A 59 -3.71 17.82 -3.48
N ALA A 60 -3.69 16.57 -3.06
CA ALA A 60 -4.57 16.03 -2.03
C ALA A 60 -3.82 15.86 -0.71
N GLY A 61 -4.58 15.69 0.35
CA GLY A 61 -3.97 15.48 1.69
C GLY A 61 -4.50 14.12 2.15
N PRO A 62 -3.97 13.60 3.25
CA PRO A 62 -4.36 12.28 3.77
C PRO A 62 -5.85 12.09 3.92
N SER A 63 -6.56 13.09 4.37
CA SER A 63 -8.00 12.99 4.61
C SER A 63 -8.74 12.73 3.32
N THR A 64 -8.16 13.06 2.19
CA THR A 64 -8.89 12.80 0.91
C THR A 64 -9.15 11.30 0.82
N TYR A 65 -8.32 10.51 1.47
CA TYR A 65 -8.36 9.05 1.40
C TYR A 65 -8.63 8.42 2.78
N ALA A 66 -9.31 9.14 3.65
CA ALA A 66 -9.55 8.71 5.01
C ALA A 66 -10.24 7.38 5.06
N GLY A 67 -11.27 7.16 4.28
CA GLY A 67 -11.97 5.86 4.26
C GLY A 67 -11.04 4.70 3.95
N LEU A 68 -10.19 4.78 2.95
CA LEU A 68 -9.24 3.73 2.57
C LEU A 68 -8.18 3.52 3.68
N LEU A 69 -7.57 4.58 4.15
CA LEU A 69 -6.50 4.53 5.19
C LEU A 69 -6.95 3.88 6.51
N SER A 70 -8.12 4.23 7.03
CA SER A 70 -8.78 3.70 8.19
C SER A 70 -9.17 2.24 8.02
N HIS A 71 -9.63 1.91 6.82
CA HIS A 71 -10.03 0.55 6.41
C HIS A 71 -8.81 -0.35 6.64
N TRP A 72 -7.67 0.01 6.08
CA TRP A 72 -6.42 -0.78 6.26
C TRP A 72 -6.10 -0.88 7.76
N ALA A 73 -6.17 0.26 8.41
CA ALA A 73 -5.88 0.28 9.86
C ALA A 73 -6.82 -0.65 10.62
N SER A 74 -8.09 -0.80 10.22
CA SER A 74 -9.06 -1.66 10.88
C SER A 74 -8.69 -3.12 10.74
N HIS A 75 -7.91 -3.53 9.75
CA HIS A 75 -7.36 -4.84 9.48
C HIS A 75 -6.13 -5.17 10.34
N GLY A 76 -5.54 -4.11 10.87
CA GLY A 76 -4.40 -4.25 11.79
C GLY A 76 -3.12 -3.61 11.26
N PHE A 77 -3.18 -2.83 10.21
CA PHE A 77 -1.98 -2.20 9.66
C PHE A 77 -1.72 -0.87 10.33
N VAL A 78 -0.46 -0.38 10.42
CA VAL A 78 -0.34 1.00 10.89
C VAL A 78 -0.02 1.71 9.58
N VAL A 79 -0.87 2.64 9.17
CA VAL A 79 -0.69 3.32 7.90
C VAL A 79 -0.17 4.73 8.15
N ALA A 80 1.00 5.01 7.66
CA ALA A 80 1.70 6.28 7.72
C ALA A 80 1.63 6.93 6.33
N ALA A 81 0.72 7.88 6.30
CA ALA A 81 0.55 8.70 5.06
C ALA A 81 1.37 9.97 5.12
N ALA A 82 2.22 10.23 4.16
CA ALA A 82 3.00 11.49 4.12
C ALA A 82 1.92 12.58 3.95
N GLU A 83 2.03 13.68 4.69
CA GLU A 83 1.11 14.79 4.65
C GLU A 83 1.15 15.54 3.31
N THR A 84 2.27 15.56 2.63
CA THR A 84 2.57 16.26 1.38
C THR A 84 1.57 16.04 0.26
N SER A 85 1.30 17.17 -0.42
CA SER A 85 0.39 17.02 -1.59
C SER A 85 1.16 16.70 -2.85
N ASN A 86 2.51 16.68 -2.77
CA ASN A 86 3.39 16.31 -3.87
C ASN A 86 4.36 15.20 -3.48
N ALA A 87 3.94 13.95 -3.46
CA ALA A 87 4.74 12.82 -2.96
C ALA A 87 5.51 11.97 -3.96
N GLY A 88 5.68 12.45 -5.17
CA GLY A 88 6.30 11.66 -6.20
C GLY A 88 7.70 11.15 -6.03
N THR A 89 8.50 11.79 -5.24
CA THR A 89 9.91 11.32 -5.07
C THR A 89 9.97 10.17 -4.08
N GLY A 90 8.93 10.01 -3.30
CA GLY A 90 8.87 8.96 -2.27
C GLY A 90 9.68 9.32 -1.03
N ARG A 91 10.34 10.48 -1.05
CA ARG A 91 11.21 10.80 0.11
C ARG A 91 10.42 11.06 1.39
N GLU A 92 9.30 11.75 1.29
CA GLU A 92 8.49 12.06 2.45
C GLU A 92 7.87 10.78 2.99
N MET A 93 7.53 9.86 2.12
CA MET A 93 6.98 8.59 2.57
C MET A 93 7.99 7.83 3.45
N LEU A 94 9.21 7.80 2.93
CA LEU A 94 10.29 7.15 3.68
C LEU A 94 10.66 7.89 4.96
N ALA A 95 10.54 9.19 5.05
CA ALA A 95 10.82 9.91 6.30
C ALA A 95 9.89 9.39 7.41
N CYS A 96 8.65 9.07 7.03
CA CYS A 96 7.64 8.57 7.96
C CYS A 96 8.05 7.18 8.39
N LEU A 97 8.61 6.35 7.52
CA LEU A 97 9.16 5.03 7.87
C LEU A 97 10.27 5.25 8.92
N ASP A 98 11.21 6.12 8.69
CA ASP A 98 12.32 6.40 9.62
C ASP A 98 11.78 6.72 11.01
N TYR A 99 10.75 7.50 11.10
CA TYR A 99 10.11 7.84 12.37
C TYR A 99 9.52 6.63 13.05
N LEU A 100 8.78 5.77 12.38
CA LEU A 100 8.14 4.59 12.94
C LEU A 100 9.18 3.56 13.42
N VAL A 101 10.20 3.41 12.63
CA VAL A 101 11.35 2.54 12.94
C VAL A 101 11.91 2.99 14.31
N ARG A 102 12.27 4.23 14.44
CA ARG A 102 12.80 4.86 15.63
C ARG A 102 11.83 4.65 16.77
N GLU A 103 10.58 4.99 16.59
CA GLU A 103 9.55 4.87 17.63
C GLU A 103 9.38 3.45 18.14
N ASN A 104 9.49 2.50 17.25
CA ASN A 104 9.34 1.10 17.59
C ASN A 104 10.48 0.65 18.54
N ASP A 105 11.64 1.13 18.21
CA ASP A 105 12.87 0.74 18.92
C ASP A 105 13.11 1.47 20.26
N THR A 106 12.65 2.70 20.40
CA THR A 106 12.76 3.48 21.63
C THR A 106 11.99 2.70 22.68
N PRO A 107 12.46 2.84 23.92
CA PRO A 107 11.75 2.20 25.02
C PRO A 107 10.37 2.72 25.40
N TYR A 108 10.08 4.02 25.41
CA TYR A 108 8.86 4.54 26.00
C TYR A 108 7.81 5.25 25.19
N GLY A 109 7.55 4.90 23.98
CA GLY A 109 6.48 5.69 23.29
C GLY A 109 5.27 4.80 22.99
N THR A 110 4.37 5.42 22.24
CA THR A 110 3.16 4.80 21.73
C THR A 110 3.47 3.52 20.95
N TYR A 111 4.47 3.53 20.08
CA TYR A 111 4.69 2.32 19.26
C TYR A 111 5.74 1.38 19.81
N SER A 112 6.38 1.73 20.92
CA SER A 112 7.51 0.89 21.36
C SER A 112 7.26 -0.59 21.44
N GLY A 113 7.95 -1.40 20.69
CA GLY A 113 7.80 -2.85 20.69
C GLY A 113 6.52 -3.34 20.05
N LYS A 114 5.76 -2.46 19.43
CA LYS A 114 4.47 -2.85 18.81
C LYS A 114 4.43 -3.08 17.30
N LEU A 115 5.35 -2.62 16.52
CA LEU A 115 5.39 -2.72 15.09
C LEU A 115 6.19 -3.94 14.66
N ASN A 116 5.99 -4.39 13.44
CA ASN A 116 6.79 -5.40 12.77
C ASN A 116 7.35 -4.60 11.58
N THR A 117 8.48 -3.93 11.85
CA THR A 117 9.13 -3.10 10.86
C THR A 117 9.85 -3.94 9.84
N GLY A 118 9.80 -5.26 9.97
CA GLY A 118 10.44 -6.08 8.91
C GLY A 118 9.35 -6.28 7.87
N ARG A 119 8.12 -5.83 8.15
CA ARG A 119 6.99 -6.00 7.21
C ARG A 119 6.39 -4.64 6.81
N VAL A 120 6.94 -4.11 5.75
CA VAL A 120 6.60 -2.79 5.20
C VAL A 120 6.16 -2.85 3.74
N GLY A 121 5.05 -2.13 3.53
CA GLY A 121 4.45 -1.97 2.21
C GLY A 121 4.33 -0.48 1.84
N THR A 122 4.20 -0.19 0.53
CA THR A 122 3.98 1.15 0.06
C THR A 122 2.72 1.15 -0.86
N SER A 123 2.00 2.26 -0.92
CA SER A 123 0.86 2.40 -1.85
C SER A 123 0.68 3.92 -2.04
N GLY A 124 -0.21 4.27 -2.97
CA GLY A 124 -0.41 5.75 -3.17
C GLY A 124 -1.31 5.82 -4.39
N HIS A 125 -1.89 6.99 -4.55
CA HIS A 125 -2.78 7.28 -5.69
C HIS A 125 -2.09 8.29 -6.57
N SER A 126 -2.05 8.10 -7.87
CA SER A 126 -1.53 9.11 -8.81
C SER A 126 -0.09 9.51 -8.56
N GLN A 127 0.26 10.76 -8.34
CA GLN A 127 1.65 11.15 -8.06
C GLN A 127 2.20 10.33 -6.88
N GLY A 128 1.38 10.10 -5.89
CA GLY A 128 1.71 9.29 -4.69
C GLY A 128 1.83 7.82 -5.08
N GLY A 129 1.19 7.33 -6.14
CA GLY A 129 1.35 5.96 -6.61
C GLY A 129 2.74 5.87 -7.28
N GLY A 130 3.17 6.96 -7.85
CA GLY A 130 4.55 7.04 -8.43
C GLY A 130 5.54 7.05 -7.27
N GLY A 131 5.26 7.81 -6.24
CA GLY A 131 5.96 7.92 -4.97
C GLY A 131 6.07 6.53 -4.33
N SER A 132 5.13 5.62 -4.42
CA SER A 132 5.21 4.28 -3.84
C SER A 132 6.21 3.38 -4.56
N ILE A 133 6.31 3.53 -5.88
CA ILE A 133 7.34 2.87 -6.71
C ILE A 133 8.75 3.37 -6.32
N MET A 134 8.92 4.66 -6.24
CA MET A 134 10.18 5.33 -5.90
C MET A 134 10.61 4.82 -4.51
N ALA A 135 9.72 4.75 -3.53
CA ALA A 135 9.96 4.27 -2.18
C ALA A 135 10.16 2.77 -2.22
N GLY A 136 9.62 2.03 -3.16
CA GLY A 136 9.76 0.56 -3.22
C GLY A 136 11.17 0.12 -3.53
N GLN A 137 12.08 1.04 -3.74
CA GLN A 137 13.50 0.86 -4.04
C GLN A 137 14.23 0.67 -2.70
N ASP A 138 13.65 1.14 -1.65
CA ASP A 138 14.27 1.06 -0.32
C ASP A 138 14.34 -0.39 0.10
N THR A 139 15.44 -0.97 0.61
CA THR A 139 15.51 -2.37 1.01
C THR A 139 14.64 -2.79 2.18
N ARG A 140 14.10 -1.83 2.88
CA ARG A 140 13.17 -2.06 3.97
C ARG A 140 11.76 -2.36 3.44
N VAL A 141 11.51 -2.03 2.16
CA VAL A 141 10.17 -2.21 1.58
C VAL A 141 10.03 -3.58 0.94
N ARG A 142 9.07 -4.35 1.37
CA ARG A 142 8.82 -5.72 0.92
C ARG A 142 7.82 -5.86 -0.23
N THR A 143 6.97 -4.87 -0.44
CA THR A 143 5.93 -4.99 -1.50
C THR A 143 5.35 -3.63 -1.82
N THR A 144 4.89 -3.40 -3.03
CA THR A 144 4.27 -2.12 -3.36
C THR A 144 2.91 -2.37 -4.01
N ALA A 145 1.99 -1.43 -3.90
CA ALA A 145 0.65 -1.52 -4.47
C ALA A 145 0.22 -0.13 -4.96
N PRO A 146 0.82 0.41 -5.99
CA PRO A 146 0.52 1.70 -6.59
C PRO A 146 -0.88 1.70 -7.22
N ILE A 147 -1.65 2.70 -6.85
CA ILE A 147 -3.05 2.76 -7.39
C ILE A 147 -3.14 3.82 -8.46
N GLN A 148 -3.36 3.46 -9.73
CA GLN A 148 -3.42 4.46 -10.82
C GLN A 148 -2.21 5.39 -10.76
N PRO A 149 -0.99 4.90 -10.80
CA PRO A 149 0.17 5.77 -10.60
C PRO A 149 0.37 6.72 -11.75
N TYR A 150 0.92 7.88 -11.47
CA TYR A 150 1.25 8.83 -12.54
C TYR A 150 2.75 8.69 -12.59
N THR A 151 3.31 8.22 -13.69
CA THR A 151 4.77 8.06 -13.74
C THR A 151 5.40 8.90 -14.84
N LEU A 152 4.64 9.75 -15.52
CA LEU A 152 5.25 10.62 -16.56
C LEU A 152 6.00 11.78 -15.97
N GLY A 153 5.99 12.21 -14.74
CA GLY A 153 6.77 13.36 -14.26
C GLY A 153 6.38 13.43 -12.77
N LEU A 154 6.38 14.64 -12.28
CA LEU A 154 6.04 14.95 -10.89
C LEU A 154 6.90 14.17 -9.88
N GLY A 155 8.20 14.17 -10.16
CA GLY A 155 9.25 13.58 -9.39
C GLY A 155 9.66 12.15 -9.64
N HIS A 156 8.96 11.45 -10.50
CA HIS A 156 9.21 10.07 -10.86
C HIS A 156 10.54 9.88 -11.61
N ASP A 157 11.26 8.82 -11.28
CA ASP A 157 12.48 8.41 -11.96
C ASP A 157 12.16 7.04 -12.53
N SER A 158 12.00 6.90 -13.84
CA SER A 158 11.59 5.60 -14.44
C SER A 158 12.60 4.50 -14.19
N ALA A 159 13.82 4.82 -13.79
CA ALA A 159 14.87 3.85 -13.42
C ALA A 159 14.47 3.03 -12.20
N SER A 160 13.65 3.67 -11.35
CA SER A 160 13.15 3.01 -10.13
C SER A 160 12.28 1.81 -10.47
N GLN A 161 11.75 1.72 -11.66
CA GLN A 161 10.90 0.59 -12.05
C GLN A 161 11.65 -0.74 -12.18
N ARG A 162 12.94 -0.62 -12.42
CA ARG A 162 13.85 -1.76 -12.56
C ARG A 162 14.62 -2.06 -11.29
N ARG A 163 14.39 -1.36 -10.20
CA ARG A 163 15.08 -1.49 -8.94
C ARG A 163 14.15 -1.67 -7.74
N GLN A 164 13.09 -2.43 -7.90
CA GLN A 164 12.10 -2.76 -6.87
C GLN A 164 12.69 -3.84 -5.96
N GLN A 165 12.27 -3.92 -4.72
CA GLN A 165 12.80 -4.89 -3.77
C GLN A 165 11.88 -6.09 -3.61
N GLY A 166 10.57 -5.90 -3.80
CA GLY A 166 9.60 -7.01 -3.65
C GLY A 166 8.50 -6.88 -4.70
N PRO A 167 7.57 -7.80 -4.63
CA PRO A 167 6.46 -7.85 -5.58
C PRO A 167 5.53 -6.66 -5.51
N MET A 168 5.08 -6.38 -6.72
CA MET A 168 4.16 -5.27 -6.99
C MET A 168 2.76 -5.70 -7.44
N PHE A 169 1.72 -5.13 -6.84
CA PHE A 169 0.33 -5.20 -7.27
C PHE A 169 0.03 -3.86 -7.97
N LEU A 170 0.12 -3.77 -9.26
CA LEU A 170 -0.12 -2.54 -10.00
C LEU A 170 -1.61 -2.42 -10.32
N MET A 171 -2.27 -1.36 -9.99
CA MET A 171 -3.72 -1.18 -10.20
C MET A 171 -3.88 -0.01 -11.18
N SER A 172 -4.74 -0.10 -12.19
CA SER A 172 -4.96 1.03 -13.11
C SER A 172 -6.49 1.04 -13.27
N GLY A 173 -7.01 2.08 -13.88
CA GLY A 173 -8.46 2.21 -14.09
C GLY A 173 -8.69 2.41 -15.60
N GLY A 174 -9.59 1.59 -16.11
CA GLY A 174 -9.96 1.60 -17.54
C GLY A 174 -10.48 2.96 -17.96
N GLY A 175 -11.15 3.70 -17.08
CA GLY A 175 -11.60 5.04 -17.46
C GLY A 175 -10.79 6.21 -16.96
N ASP A 176 -9.53 5.94 -16.67
CA ASP A 176 -8.63 6.99 -16.12
C ASP A 176 -8.03 7.71 -17.32
N THR A 177 -8.49 8.95 -17.38
CA THR A 177 -8.01 9.83 -18.47
C THR A 177 -7.06 10.87 -17.88
N ILE A 178 -6.63 10.63 -16.65
CA ILE A 178 -5.64 11.60 -16.15
C ILE A 178 -4.28 10.89 -16.02
N ALA A 179 -4.26 9.68 -15.50
CA ALA A 179 -3.01 8.89 -15.49
C ALA A 179 -3.25 7.71 -16.44
N PHE A 180 -3.42 8.02 -17.72
CA PHE A 180 -3.72 7.06 -18.78
C PHE A 180 -2.85 5.83 -18.59
N PRO A 181 -3.50 4.72 -18.45
CA PRO A 181 -2.78 3.47 -18.19
C PRO A 181 -1.70 3.14 -19.19
N TYR A 182 -1.91 3.30 -20.47
CA TYR A 182 -0.90 2.92 -21.48
C TYR A 182 0.38 3.71 -21.32
N LEU A 183 0.26 4.93 -20.90
CA LEU A 183 1.40 5.81 -20.68
C LEU A 183 1.99 5.78 -19.29
N ASN A 184 1.19 5.49 -18.29
CA ASN A 184 1.71 5.53 -16.91
C ASN A 184 1.90 4.18 -16.23
N ALA A 185 1.08 3.20 -16.55
CA ALA A 185 1.07 1.88 -15.90
C ALA A 185 1.71 0.77 -16.71
N GLN A 186 1.44 0.76 -18.01
CA GLN A 186 2.01 -0.27 -18.90
C GLN A 186 3.54 -0.27 -18.84
N PRO A 187 4.27 0.83 -18.84
CA PRO A 187 5.71 0.86 -18.77
C PRO A 187 6.27 0.24 -17.48
N VAL A 188 5.57 0.48 -16.38
CA VAL A 188 5.93 -0.04 -15.06
C VAL A 188 5.88 -1.57 -15.16
N TYR A 189 4.78 -2.09 -15.65
CA TYR A 189 4.63 -3.53 -15.82
C TYR A 189 5.73 -4.10 -16.72
N ARG A 190 6.01 -3.42 -17.81
CA ARG A 190 6.97 -3.86 -18.82
C ARG A 190 8.36 -3.98 -18.21
N ARG A 191 8.74 -3.01 -17.40
CA ARG A 191 10.04 -2.96 -16.84
C ARG A 191 10.29 -3.61 -15.49
N ALA A 192 9.27 -3.94 -14.74
CA ALA A 192 9.42 -4.45 -13.38
C ALA A 192 10.44 -5.57 -13.29
N ASN A 193 11.38 -5.46 -12.35
CA ASN A 193 12.36 -6.51 -12.09
C ASN A 193 11.87 -7.49 -11.04
N VAL A 194 10.66 -7.39 -10.53
CA VAL A 194 10.09 -8.27 -9.49
C VAL A 194 8.81 -8.89 -10.08
N PRO A 195 8.27 -9.92 -9.46
CA PRO A 195 6.98 -10.46 -9.89
C PRO A 195 6.00 -9.27 -9.80
N VAL A 196 5.12 -9.13 -10.78
CA VAL A 196 4.13 -8.08 -10.87
C VAL A 196 2.79 -8.78 -11.23
N PHE A 197 1.82 -8.24 -10.55
CA PHE A 197 0.39 -8.58 -10.78
C PHE A 197 -0.21 -7.22 -11.19
N TRP A 198 -0.64 -7.15 -12.48
CA TRP A 198 -1.22 -5.92 -12.99
C TRP A 198 -2.72 -6.11 -13.13
N GLY A 199 -3.51 -5.47 -12.28
CA GLY A 199 -4.97 -5.60 -12.37
C GLY A 199 -5.48 -4.24 -12.85
N GLU A 200 -6.18 -4.26 -13.98
CA GLU A 200 -6.84 -3.07 -14.48
C GLU A 200 -8.35 -3.26 -14.26
N ARG A 201 -8.89 -2.29 -13.54
CA ARG A 201 -10.32 -2.30 -13.21
C ARG A 201 -10.97 -1.57 -14.39
N ARG A 202 -11.82 -2.30 -15.10
CA ARG A 202 -12.47 -1.61 -16.22
C ARG A 202 -13.41 -0.50 -15.77
N TYR A 203 -13.58 0.49 -16.62
CA TYR A 203 -14.47 1.62 -16.54
C TYR A 203 -14.17 2.70 -15.53
N VAL A 204 -13.61 2.42 -14.37
CA VAL A 204 -13.43 3.40 -13.31
C VAL A 204 -12.51 4.56 -13.69
N SER A 205 -12.80 5.73 -13.13
CA SER A 205 -12.02 6.92 -13.48
C SER A 205 -10.94 7.11 -12.39
N HIS A 206 -10.21 8.19 -12.60
CA HIS A 206 -9.15 8.62 -11.69
C HIS A 206 -9.73 8.98 -10.32
N PHE A 207 -11.04 9.16 -10.18
CA PHE A 207 -11.51 9.47 -8.83
C PHE A 207 -11.94 8.21 -8.06
N GLU A 208 -11.89 7.05 -8.67
CA GLU A 208 -12.33 5.84 -7.97
C GLU A 208 -11.64 5.57 -6.63
N PRO A 209 -10.36 5.79 -6.44
CA PRO A 209 -9.65 5.58 -5.17
C PRO A 209 -9.93 6.60 -4.10
N VAL A 210 -10.32 7.85 -4.40
CA VAL A 210 -10.62 8.92 -3.46
C VAL A 210 -11.68 8.53 -2.42
N GLY A 211 -11.46 8.93 -1.16
CA GLY A 211 -12.42 8.57 -0.15
C GLY A 211 -12.26 7.14 0.34
N SER A 212 -13.15 6.23 0.05
CA SER A 212 -13.18 4.85 0.55
C SER A 212 -12.28 3.87 -0.19
N GLY A 213 -11.71 4.30 -1.28
CA GLY A 213 -10.82 3.57 -2.17
C GLY A 213 -11.58 2.81 -3.22
N GLY A 214 -12.89 2.93 -3.16
CA GLY A 214 -13.78 2.31 -4.13
C GLY A 214 -13.48 0.85 -4.44
N ALA A 215 -13.50 0.54 -5.72
CA ALA A 215 -13.22 -0.82 -6.21
C ALA A 215 -11.80 -1.28 -5.86
N TYR A 216 -10.92 -0.44 -5.37
CA TYR A 216 -9.55 -0.89 -5.06
C TYR A 216 -9.42 -1.22 -3.60
N ARG A 217 -10.37 -0.87 -2.77
CA ARG A 217 -10.27 -1.17 -1.34
C ARG A 217 -10.11 -2.64 -1.05
N GLY A 218 -11.00 -3.53 -1.47
CA GLY A 218 -10.85 -4.96 -1.17
C GLY A 218 -9.58 -5.59 -1.73
N PRO A 219 -9.29 -5.51 -3.01
CA PRO A 219 -8.12 -6.15 -3.61
C PRO A 219 -6.79 -5.70 -2.98
N SER A 220 -6.71 -4.39 -2.73
CA SER A 220 -5.50 -3.87 -2.11
C SER A 220 -5.31 -4.45 -0.70
N THR A 221 -6.38 -4.65 0.01
CA THR A 221 -6.37 -5.17 1.36
C THR A 221 -5.94 -6.65 1.31
N ALA A 222 -6.52 -7.41 0.38
CA ALA A 222 -6.16 -8.83 0.21
C ALA A 222 -4.66 -8.91 -0.07
N TRP A 223 -4.11 -8.00 -0.87
CA TRP A 223 -2.70 -7.97 -1.21
C TRP A 223 -1.78 -7.76 0.01
N PHE A 224 -2.03 -6.71 0.75
CA PHE A 224 -1.30 -6.42 1.99
C PHE A 224 -1.50 -7.57 2.97
N ARG A 225 -2.64 -8.16 3.16
CA ARG A 225 -2.87 -9.26 4.09
C ARG A 225 -2.00 -10.46 3.70
N PHE A 226 -1.96 -10.76 2.43
CA PHE A 226 -1.15 -11.85 1.90
C PHE A 226 0.34 -11.58 2.04
N GLN A 227 0.86 -10.49 1.51
CA GLN A 227 2.28 -10.15 1.57
C GLN A 227 2.75 -9.88 2.99
N LEU A 228 2.05 -9.09 3.78
CA LEU A 228 2.50 -8.62 5.10
C LEU A 228 2.07 -9.42 6.30
N MET A 229 0.93 -10.09 6.17
CA MET A 229 0.37 -10.87 7.28
C MET A 229 0.33 -12.36 6.93
N ASP A 230 0.89 -12.78 5.82
CA ASP A 230 0.84 -14.20 5.42
C ASP A 230 -0.59 -14.74 5.52
N ASP A 231 -1.56 -13.93 5.17
CA ASP A 231 -2.96 -14.41 5.18
C ASP A 231 -3.14 -15.27 3.93
N GLN A 232 -3.28 -16.57 4.18
CA GLN A 232 -3.46 -17.55 3.09
C GLN A 232 -4.84 -17.46 2.47
N ASP A 233 -5.82 -17.00 3.20
CA ASP A 233 -7.15 -16.76 2.61
C ASP A 233 -7.12 -15.72 1.48
N ALA A 234 -6.13 -14.84 1.45
CA ALA A 234 -6.11 -13.75 0.46
C ALA A 234 -5.40 -14.17 -0.80
N ARG A 235 -4.64 -15.23 -0.69
CA ARG A 235 -3.85 -15.92 -1.71
C ARG A 235 -4.54 -16.13 -3.05
N ALA A 236 -5.70 -16.75 -3.03
CA ALA A 236 -6.48 -17.05 -4.24
C ALA A 236 -6.91 -15.82 -5.02
N THR A 237 -6.94 -14.62 -4.45
CA THR A 237 -7.29 -13.39 -5.15
C THR A 237 -6.32 -13.15 -6.31
N PHE A 238 -5.07 -13.55 -6.13
CA PHE A 238 -4.03 -13.27 -7.11
C PHE A 238 -3.31 -14.49 -7.68
N TYR A 239 -3.29 -15.61 -7.03
CA TYR A 239 -2.54 -16.79 -7.52
C TYR A 239 -3.40 -17.89 -8.09
N GLY A 240 -2.94 -18.46 -9.20
CA GLY A 240 -3.70 -19.56 -9.88
C GLY A 240 -4.32 -19.06 -11.19
N ALA A 241 -4.69 -19.96 -12.13
CA ALA A 241 -5.24 -19.41 -13.40
C ALA A 241 -6.70 -19.02 -13.27
N GLN A 242 -7.16 -19.26 -12.08
CA GLN A 242 -8.55 -19.07 -11.63
C GLN A 242 -8.65 -18.16 -10.41
N CYS A 243 -7.63 -17.33 -10.19
CA CYS A 243 -7.64 -16.45 -9.00
C CYS A 243 -8.88 -15.59 -9.15
N SER A 244 -9.38 -15.03 -8.09
CA SER A 244 -10.59 -14.19 -8.15
C SER A 244 -10.59 -13.09 -9.20
N LEU A 245 -9.54 -12.30 -9.18
CA LEU A 245 -9.48 -11.16 -10.12
C LEU A 245 -9.45 -11.64 -11.56
N CYS A 246 -8.79 -12.79 -11.67
CA CYS A 246 -8.55 -13.52 -12.93
C CYS A 246 -9.83 -13.88 -13.67
N THR A 247 -10.80 -14.30 -12.87
CA THR A 247 -12.09 -14.71 -13.46
C THR A 247 -13.13 -13.61 -13.44
N SER A 248 -12.87 -12.47 -12.84
CA SER A 248 -13.80 -11.34 -12.79
C SER A 248 -13.82 -10.65 -14.15
N LEU A 249 -15.04 -10.30 -14.56
CA LEU A 249 -15.26 -9.69 -15.90
C LEU A 249 -14.94 -8.21 -15.88
N LEU A 250 -14.78 -7.65 -14.68
CA LEU A 250 -14.46 -6.22 -14.54
C LEU A 250 -12.97 -5.86 -14.43
N TRP A 251 -12.11 -6.86 -14.34
CA TRP A 251 -10.66 -6.71 -14.25
C TRP A 251 -9.89 -7.36 -15.40
N SER A 252 -8.99 -6.64 -15.99
CA SER A 252 -8.03 -7.16 -16.96
C SER A 252 -6.71 -7.43 -16.16
N VAL A 253 -6.34 -8.67 -16.05
CA VAL A 253 -5.15 -9.11 -15.36
C VAL A 253 -4.01 -9.42 -16.30
N GLU A 254 -2.83 -8.98 -16.03
CA GLU A 254 -1.54 -9.24 -16.64
C GLU A 254 -0.58 -9.53 -15.46
N ARG A 255 -0.01 -10.71 -15.38
CA ARG A 255 0.84 -11.23 -14.34
C ARG A 255 2.22 -11.61 -14.81
N ARG A 256 3.20 -11.44 -13.94
CA ARG A 256 4.53 -11.87 -14.32
C ARG A 256 5.35 -12.20 -13.09
N GLY A 257 6.00 -13.36 -13.21
CA GLY A 257 6.92 -13.91 -12.22
C GLY A 257 6.25 -14.47 -10.96
N LEU A 258 4.95 -14.52 -11.07
CA LEU A 258 4.07 -15.05 -10.01
C LEU A 258 3.07 -15.95 -10.75
O1 TLA B . 16.34 -0.03 -19.23
O11 TLA B . 17.37 1.39 -20.63
C1 TLA B . 16.27 0.67 -20.32
C2 TLA B . 14.96 1.39 -20.48
O2 TLA B . 14.17 1.04 -19.37
C3 TLA B . 14.27 0.73 -21.69
O3 TLA B . 14.41 -0.49 -21.74
C4 TLA B . 12.97 1.44 -21.83
O4 TLA B . 11.81 0.90 -21.81
O41 TLA B . 13.00 2.78 -21.75
#